data_6FU5
#
_entry.id   6FU5
#
_cell.length_a   75.790
_cell.length_b   122.710
_cell.length_c   71.450
_cell.angle_alpha   90.00
_cell.angle_beta   90.00
_cell.angle_gamma   90.00
#
_symmetry.space_group_name_H-M   'P 21 21 21'
#
loop_
_entity.id
_entity.type
_entity.pdbx_description
1 polymer 'Receptor-interacting serine/threonine-protein kinase 2'
2 non-polymer ~{N}-[5-[2-azanyl-5-(4-piperazin-1-ylphenyl)pyridin-3-yl]-2-methoxy-phenyl]propane-1-sulfonamide
3 water water
#
_entity_poly.entity_id   1
_entity_poly.type   'polypeptide(L)'
_entity_poly.pdbx_seq_one_letter_code
;SMGEAICSALPTIPYHKLADLRYLSRGASGTVSSARHADWRVQVAVKHLHIHTPLLDSERKDVLREAEILHKARFSYILP
ILGICNEPEFLGIVTEYMPNGSLNELLHRKTEYPDVAWPLRFRILHEIALGVNYLHNMTPPLLHHDLKTQNILLDNEFHV
KIADFGLSKWRMMSLSQSRSSKSAPEGGTIIYMPPENYEPGQKSRASIKHDIYSYAVITWEVLSRKQPFEDVTNPLQIMY
SVSQGHRPVINEESLPYDIPHRARMISLIESGWAQNPDERPSFLKCLIELEPVLRTFEEITFLEAVIQLKKTKLQSV
;
_entity_poly.pdbx_strand_id   A,B
#
# COMPACT_ATOMS: atom_id res chain seq x y z
N ALA A 5 -23.13 6.79 1.10
CA ALA A 5 -24.10 5.71 0.91
C ALA A 5 -23.43 4.34 1.03
N ILE A 6 -22.13 4.29 0.77
CA ILE A 6 -21.35 3.06 0.83
C ILE A 6 -20.54 3.09 2.13
N CYS A 7 -20.97 2.31 3.12
CA CYS A 7 -20.26 2.22 4.39
C CYS A 7 -19.48 0.93 4.49
N SER A 8 -18.37 0.98 5.24
CA SER A 8 -17.50 -0.15 5.47
C SER A 8 -17.18 -0.22 6.97
N ALA A 9 -17.43 -1.37 7.57
CA ALA A 9 -17.24 -1.55 9.00
C ALA A 9 -15.86 -2.11 9.30
N LEU A 10 -15.13 -1.46 10.19
CA LEU A 10 -13.78 -1.91 10.56
C LEU A 10 -13.87 -3.25 11.28
N PRO A 11 -13.22 -4.29 10.77
CA PRO A 11 -13.31 -5.61 11.43
C PRO A 11 -12.81 -5.58 12.86
N THR A 12 -13.46 -6.35 13.72
CA THR A 12 -13.05 -6.54 15.11
C THR A 12 -12.27 -7.85 15.17
N ILE A 13 -10.96 -7.75 15.34
CA ILE A 13 -10.08 -8.92 15.31
C ILE A 13 -10.07 -9.56 16.69
N PRO A 14 -10.33 -10.86 16.81
CA PRO A 14 -10.21 -11.53 18.10
C PRO A 14 -8.78 -11.50 18.59
N TYR A 15 -8.62 -11.37 19.92
CA TYR A 15 -7.28 -11.28 20.48
C TYR A 15 -6.49 -12.56 20.27
N HIS A 16 -7.13 -13.72 20.45
CA HIS A 16 -6.41 -14.98 20.38
C HIS A 16 -5.99 -15.36 18.97
N LYS A 17 -6.33 -14.56 17.97
CA LYS A 17 -5.82 -14.76 16.61
C LYS A 17 -4.52 -14.02 16.38
N LEU A 18 -3.96 -13.38 17.41
CA LEU A 18 -2.72 -12.60 17.30
C LEU A 18 -1.61 -13.35 18.02
N ALA A 19 -0.71 -13.95 17.27
CA ALA A 19 0.38 -14.73 17.83
C ALA A 19 1.71 -13.97 17.72
N ASP A 20 2.61 -14.25 18.65
CA ASP A 20 4.00 -13.78 18.59
C ASP A 20 4.12 -12.29 18.86
N LEU A 21 3.51 -11.82 19.94
CA LEU A 21 3.63 -10.42 20.31
C LEU A 21 5.02 -10.13 20.88
N ARG A 22 5.58 -8.98 20.50
CA ARG A 22 6.90 -8.57 20.96
C ARG A 22 6.94 -7.05 21.10
N TYR A 23 7.37 -6.58 22.26
CA TYR A 23 7.47 -5.14 22.50
C TYR A 23 8.31 -4.46 21.44
N LEU A 24 7.69 -3.64 20.61
CA LEU A 24 8.43 -2.91 19.58
C LEU A 24 8.89 -1.55 20.08
N SER A 25 8.00 -0.78 20.68
CA SER A 25 8.41 0.53 21.20
C SER A 25 7.32 1.10 22.09
N ARG A 26 7.74 1.64 23.24
CA ARG A 26 6.83 2.31 24.17
C ARG A 26 6.94 3.82 24.00
N GLY A 27 5.84 4.51 24.28
CA GLY A 27 5.78 5.95 24.13
C GLY A 27 4.56 6.49 24.82
N ALA A 28 4.41 7.82 24.74
CA ALA A 28 3.31 8.48 25.46
C ALA A 28 1.96 7.94 25.01
N SER A 29 1.75 7.83 23.70
CA SER A 29 0.48 7.34 23.18
C SER A 29 0.24 5.87 23.48
N GLY A 30 1.18 5.19 24.14
CA GLY A 30 1.02 3.80 24.48
C GLY A 30 2.18 2.96 24.00
N THR A 31 1.99 1.65 24.02
CA THR A 31 3.03 0.70 23.62
C THR A 31 2.63 0.00 22.34
N VAL A 32 3.62 -0.22 21.47
CA VAL A 32 3.41 -0.87 20.19
C VAL A 32 4.21 -2.15 20.16
N SER A 33 3.53 -3.24 19.82
CA SER A 33 4.14 -4.56 19.67
C SER A 33 3.94 -5.06 18.25
N SER A 34 4.68 -6.10 17.91
CA SER A 34 4.54 -6.79 16.64
C SER A 34 3.86 -8.14 16.88
N ALA A 35 3.16 -8.63 15.86
CA ALA A 35 2.48 -9.91 15.96
C ALA A 35 2.20 -10.42 14.55
N ARG A 36 1.64 -11.63 14.48
CA ARG A 36 1.26 -12.25 13.22
C ARG A 36 -0.15 -12.82 13.36
N HIS A 37 -0.93 -12.70 12.30
CA HIS A 37 -2.32 -13.14 12.35
C HIS A 37 -2.41 -14.64 12.05
N ALA A 38 -3.32 -15.33 12.75
CA ALA A 38 -3.41 -16.77 12.61
C ALA A 38 -4.05 -17.17 11.28
N ASP A 39 -5.10 -16.45 10.87
CA ASP A 39 -5.79 -16.77 9.63
C ASP A 39 -5.20 -16.03 8.43
N TRP A 40 -4.86 -14.76 8.58
CA TRP A 40 -4.34 -13.99 7.45
C TRP A 40 -2.91 -14.32 7.12
N ARG A 41 -2.16 -14.91 8.07
CA ARG A 41 -0.79 -15.34 7.83
C ARG A 41 0.08 -14.18 7.35
N VAL A 42 0.00 -13.07 8.08
CA VAL A 42 0.77 -11.87 7.78
C VAL A 42 1.15 -11.17 9.09
N GLN A 43 2.23 -10.40 9.03
CA GLN A 43 2.68 -9.63 10.18
C GLN A 43 1.90 -8.32 10.30
N VAL A 44 1.70 -7.89 11.54
CA VAL A 44 0.91 -6.71 11.84
C VAL A 44 1.50 -6.06 13.09
N ALA A 45 1.20 -4.77 13.27
CA ALA A 45 1.58 -4.03 14.46
C ALA A 45 0.32 -3.76 15.29
N VAL A 46 0.50 -3.72 16.61
CA VAL A 46 -0.62 -3.51 17.54
C VAL A 46 -0.23 -2.42 18.53
N LYS A 47 -1.05 -1.37 18.60
CA LYS A 47 -0.88 -0.30 19.57
C LYS A 47 -1.89 -0.45 20.70
N HIS A 48 -1.39 -0.55 21.93
CA HIS A 48 -2.24 -0.74 23.10
C HIS A 48 -1.76 0.22 24.18
N LEU A 49 -2.35 0.11 25.37
CA LEU A 49 -2.05 1.02 26.48
C LEU A 49 -1.35 0.28 27.62
N THR A 53 -3.59 -2.55 33.93
CA THR A 53 -4.74 -1.92 34.59
C THR A 53 -6.02 -2.25 33.83
N PRO A 54 -7.16 -2.18 34.52
CA PRO A 54 -8.44 -2.23 33.82
C PRO A 54 -8.58 -1.01 32.93
N LEU A 55 -9.60 -1.05 32.07
CA LEU A 55 -9.80 0.01 31.09
C LEU A 55 -10.94 0.91 31.54
N LEU A 56 -10.66 2.21 31.65
CA LEU A 56 -11.74 3.17 31.84
C LEU A 56 -12.54 3.29 30.54
N ASP A 57 -13.75 3.83 30.67
CA ASP A 57 -14.56 4.07 29.48
C ASP A 57 -13.98 5.20 28.65
N SER A 58 -13.36 6.20 29.28
CA SER A 58 -12.73 7.29 28.54
C SER A 58 -11.55 6.79 27.73
N GLU A 59 -10.73 5.91 28.31
CA GLU A 59 -9.60 5.36 27.55
C GLU A 59 -10.08 4.59 26.33
N ARG A 60 -11.11 3.75 26.50
CA ARG A 60 -11.67 3.04 25.36
C ARG A 60 -12.24 4.01 24.34
N LYS A 61 -12.90 5.08 24.80
CA LYS A 61 -13.45 6.05 23.88
C LYS A 61 -12.35 6.70 23.05
N ASP A 62 -11.24 7.07 23.69
CA ASP A 62 -10.14 7.71 22.97
C ASP A 62 -9.48 6.75 21.97
N VAL A 63 -9.27 5.50 22.39
CA VAL A 63 -8.69 4.52 21.48
C VAL A 63 -9.61 4.31 20.28
N LEU A 64 -10.91 4.24 20.52
CA LEU A 64 -11.86 4.08 19.43
C LEU A 64 -11.87 5.31 18.52
N ARG A 65 -11.73 6.51 19.09
CA ARG A 65 -11.62 7.70 18.26
C ARG A 65 -10.44 7.58 17.32
N GLU A 66 -9.28 7.20 17.87
CA GLU A 66 -8.09 7.04 17.04
C GLU A 66 -8.29 5.99 15.96
N ALA A 67 -8.89 4.86 16.33
CA ALA A 67 -9.09 3.77 15.37
C ALA A 67 -10.01 4.20 14.24
N GLU A 68 -11.13 4.83 14.56
CA GLU A 68 -12.06 5.25 13.52
C GLU A 68 -11.49 6.40 12.70
N ILE A 69 -10.60 7.20 13.28
CA ILE A 69 -9.93 8.24 12.51
C ILE A 69 -9.00 7.61 11.48
N LEU A 70 -8.23 6.60 11.91
CA LEU A 70 -7.40 5.87 10.95
C LEU A 70 -8.26 5.24 9.85
N HIS A 71 -9.41 4.67 10.23
CA HIS A 71 -10.27 3.98 9.27
C HIS A 71 -10.91 4.95 8.27
N LYS A 72 -11.30 6.14 8.73
CA LYS A 72 -11.99 7.10 7.87
C LYS A 72 -11.05 7.93 7.02
N ALA A 73 -9.74 7.86 7.25
CA ALA A 73 -8.77 8.64 6.50
C ALA A 73 -7.86 7.73 5.67
N ARG A 74 -8.40 6.62 5.18
CA ARG A 74 -7.61 5.66 4.41
C ARG A 74 -7.09 6.28 3.14
N PHE A 75 -5.77 6.43 3.06
CA PHE A 75 -5.11 6.98 1.89
C PHE A 75 -3.79 6.24 1.70
N SER A 76 -3.22 6.38 0.51
CA SER A 76 -2.06 5.58 0.15
C SER A 76 -0.86 5.85 1.06
N TYR A 77 -0.79 7.04 1.66
CA TYR A 77 0.31 7.40 2.53
C TYR A 77 -0.13 7.62 3.98
N ILE A 78 -1.26 7.02 4.35
CA ILE A 78 -1.77 7.05 5.72
C ILE A 78 -1.75 5.62 6.25
N LEU A 79 -1.23 5.46 7.47
CA LEU A 79 -1.08 4.15 8.08
C LEU A 79 -2.33 3.30 7.90
N PRO A 80 -2.27 2.20 7.16
CA PRO A 80 -3.47 1.39 6.93
C PRO A 80 -3.89 0.60 8.16
N ILE A 81 -5.01 0.96 8.76
CA ILE A 81 -5.54 0.19 9.87
C ILE A 81 -6.23 -1.05 9.32
N LEU A 82 -6.03 -2.17 9.98
CA LEU A 82 -6.65 -3.43 9.58
C LEU A 82 -7.86 -3.77 10.42
N GLY A 83 -7.81 -3.52 11.71
CA GLY A 83 -8.93 -3.81 12.58
C GLY A 83 -8.60 -3.42 14.00
N ILE A 84 -9.62 -3.47 14.84
CA ILE A 84 -9.50 -3.20 16.27
C ILE A 84 -9.74 -4.49 17.03
N CYS A 85 -8.95 -4.71 18.07
CA CYS A 85 -9.11 -5.84 18.97
C CYS A 85 -9.71 -5.27 20.26
N ASN A 86 -11.00 -5.50 20.46
CA ASN A 86 -11.72 -4.94 21.60
C ASN A 86 -12.33 -6.08 22.40
N GLU A 87 -11.64 -6.50 23.45
CA GLU A 87 -12.09 -7.55 24.34
C GLU A 87 -11.92 -7.08 25.78
N PRO A 88 -12.69 -7.65 26.72
CA PRO A 88 -12.53 -7.26 28.12
C PRO A 88 -11.12 -7.44 28.62
N GLU A 89 -10.40 -8.44 28.12
CA GLU A 89 -9.04 -8.69 28.57
C GLU A 89 -8.02 -7.76 27.92
N PHE A 90 -8.29 -7.32 26.69
CA PHE A 90 -7.30 -6.54 25.96
C PHE A 90 -8.01 -5.61 24.98
N LEU A 91 -7.35 -4.50 24.68
CA LEU A 91 -7.87 -3.52 23.72
C LEU A 91 -6.70 -2.89 22.99
N GLY A 92 -6.72 -2.96 21.66
CA GLY A 92 -5.63 -2.42 20.87
C GLY A 92 -6.02 -2.22 19.42
N ILE A 93 -5.24 -1.40 18.73
CA ILE A 93 -5.43 -1.07 17.33
C ILE A 93 -4.45 -1.90 16.50
N VAL A 94 -4.93 -2.51 15.42
CA VAL A 94 -4.13 -3.35 14.55
C VAL A 94 -3.90 -2.62 13.23
N THR A 95 -2.64 -2.57 12.80
CA THR A 95 -2.28 -1.90 11.55
C THR A 95 -1.22 -2.71 10.83
N GLU A 96 -0.89 -2.30 9.61
CA GLU A 96 0.21 -2.92 8.89
C GLU A 96 1.50 -2.68 9.64
N TYR A 97 2.38 -3.68 9.62
CA TYR A 97 3.68 -3.57 10.28
C TYR A 97 4.63 -2.78 9.39
N MET A 98 5.15 -1.67 9.91
CA MET A 98 6.11 -0.85 9.17
C MET A 98 7.52 -1.20 9.65
N PRO A 99 8.25 -2.06 8.94
CA PRO A 99 9.52 -2.59 9.49
C PRO A 99 10.57 -1.52 9.75
N ASN A 100 10.75 -0.58 8.83
CA ASN A 100 11.83 0.39 8.97
C ASN A 100 11.55 1.46 10.02
N GLY A 101 10.48 1.34 10.80
CA GLY A 101 10.28 2.22 11.93
C GLY A 101 9.97 3.65 11.51
N SER A 102 10.38 4.58 12.36
CA SER A 102 10.05 5.99 12.19
C SER A 102 11.15 6.71 11.41
N LEU A 103 10.76 7.86 10.84
CA LEU A 103 11.72 8.70 10.13
C LEU A 103 12.84 9.16 11.05
N ASN A 104 12.56 9.31 12.35
CA ASN A 104 13.58 9.75 13.29
C ASN A 104 14.79 8.84 13.28
N GLU A 105 14.56 7.52 13.36
CA GLU A 105 15.66 6.56 13.31
C GLU A 105 16.43 6.70 12.02
N LEU A 106 15.72 6.71 10.88
CA LEU A 106 16.39 6.85 9.60
C LEU A 106 17.29 8.07 9.58
N LEU A 107 16.82 9.18 10.14
CA LEU A 107 17.59 10.42 10.09
C LEU A 107 18.81 10.37 10.99
N HIS A 108 18.65 9.84 12.20
CA HIS A 108 19.66 10.00 13.24
C HIS A 108 20.33 8.69 13.64
N ARG A 109 20.29 7.68 12.78
CA ARG A 109 21.04 6.45 13.03
C ARG A 109 22.17 6.33 12.02
N LYS A 110 23.08 7.31 12.03
CA LYS A 110 24.10 7.42 10.99
C LYS A 110 25.01 6.21 10.94
N THR A 111 25.08 5.42 12.00
CA THR A 111 25.84 4.17 11.96
C THR A 111 25.16 3.16 11.06
N GLU A 112 23.88 2.88 11.32
CA GLU A 112 23.13 1.98 10.47
C GLU A 112 22.85 2.62 9.11
N TYR A 113 22.50 3.89 9.10
CA TYR A 113 22.20 4.63 7.88
C TYR A 113 23.28 5.68 7.63
N PRO A 114 24.42 5.31 7.03
CA PRO A 114 25.49 6.30 6.81
C PRO A 114 25.07 7.36 5.81
N ASP A 115 24.62 6.95 4.63
CA ASP A 115 24.17 7.85 3.58
C ASP A 115 22.68 7.66 3.31
N VAL A 116 22.01 8.75 2.96
CA VAL A 116 20.61 8.75 2.57
C VAL A 116 20.50 9.63 1.33
N ALA A 117 20.39 9.00 0.16
CA ALA A 117 20.41 9.73 -1.10
C ALA A 117 19.30 10.78 -1.15
N TRP A 118 19.61 11.93 -1.75
CA TRP A 118 18.63 13.00 -1.83
C TRP A 118 17.33 12.58 -2.51
N PRO A 119 17.35 11.74 -3.57
CA PRO A 119 16.06 11.30 -4.14
C PRO A 119 15.12 10.71 -3.10
N LEU A 120 15.63 9.85 -2.22
CA LEU A 120 14.78 9.23 -1.21
C LEU A 120 14.26 10.26 -0.22
N ARG A 121 15.13 11.17 0.22
CA ARG A 121 14.70 12.23 1.14
C ARG A 121 13.56 13.06 0.52
N PHE A 122 13.70 13.43 -0.75
CA PHE A 122 12.67 14.26 -1.36
C PHE A 122 11.39 13.49 -1.61
N ARG A 123 11.50 12.21 -1.99
CA ARG A 123 10.29 11.40 -2.13
C ARG A 123 9.57 11.28 -0.80
N ILE A 124 10.31 11.14 0.29
CA ILE A 124 9.70 11.06 1.61
C ILE A 124 8.99 12.37 1.96
N LEU A 125 9.66 13.51 1.71
CA LEU A 125 9.02 14.80 1.95
C LEU A 125 7.74 14.92 1.13
N HIS A 126 7.78 14.53 -0.13
CA HIS A 126 6.59 14.64 -0.98
C HIS A 126 5.45 13.78 -0.44
N GLU A 127 5.74 12.53 -0.07
CA GLU A 127 4.68 11.67 0.42
C GLU A 127 4.11 12.18 1.73
N ILE A 128 4.96 12.79 2.58
CA ILE A 128 4.46 13.43 3.80
C ILE A 128 3.47 14.53 3.46
N ALA A 129 3.87 15.42 2.54
CA ALA A 129 2.97 16.50 2.14
C ALA A 129 1.68 15.93 1.56
N LEU A 130 1.77 14.84 0.80
CA LEU A 130 0.57 14.25 0.20
C LEU A 130 -0.37 13.72 1.27
N GLY A 131 0.17 13.01 2.27
CA GLY A 131 -0.67 12.51 3.33
C GLY A 131 -1.37 13.63 4.09
N VAL A 132 -0.61 14.66 4.46
CA VAL A 132 -1.21 15.76 5.22
C VAL A 132 -2.23 16.50 4.36
N ASN A 133 -1.96 16.64 3.06
CA ASN A 133 -2.90 17.34 2.18
C ASN A 133 -4.19 16.54 2.01
N TYR A 134 -4.10 15.21 1.88
CA TYR A 134 -5.32 14.42 1.82
C TYR A 134 -6.13 14.54 3.10
N LEU A 135 -5.45 14.51 4.25
CA LEU A 135 -6.17 14.72 5.51
C LEU A 135 -6.86 16.06 5.52
N HIS A 136 -6.22 17.08 4.95
CA HIS A 136 -6.82 18.41 4.93
C HIS A 136 -8.00 18.48 3.97
N ASN A 137 -7.94 17.75 2.86
CA ASN A 137 -8.98 17.77 1.86
C ASN A 137 -10.14 16.86 2.17
N MET A 138 -10.24 16.35 3.38
CA MET A 138 -11.39 15.55 3.76
C MET A 138 -12.58 16.47 4.02
N THR A 139 -13.70 15.87 4.39
CA THR A 139 -14.89 16.63 4.72
C THR A 139 -15.51 16.05 5.98
N PRO A 140 -15.37 16.73 7.12
CA PRO A 140 -14.65 18.00 7.20
C PRO A 140 -13.14 17.82 7.11
N PRO A 141 -12.41 18.92 6.88
CA PRO A 141 -10.95 18.84 6.87
C PRO A 141 -10.41 18.28 8.18
N LEU A 142 -9.53 17.29 8.07
CA LEU A 142 -8.91 16.65 9.22
C LEU A 142 -7.55 17.27 9.49
N LEU A 143 -7.35 17.71 10.73
CA LEU A 143 -6.12 18.37 11.14
C LEU A 143 -5.24 17.38 11.89
N HIS A 144 -3.97 17.29 11.49
CA HIS A 144 -3.01 16.46 12.21
C HIS A 144 -2.77 17.01 13.60
N HIS A 145 -2.35 18.27 13.68
CA HIS A 145 -2.07 18.96 14.94
C HIS A 145 -0.99 18.26 15.75
N ASP A 146 -0.21 17.40 15.11
CA ASP A 146 0.98 16.83 15.74
C ASP A 146 1.84 16.07 14.75
N LEU A 147 2.52 16.79 13.87
CA LEU A 147 3.46 16.20 12.93
C LEU A 147 4.84 16.14 13.57
N LYS A 148 5.44 14.95 13.55
CA LYS A 148 6.81 14.78 14.03
C LYS A 148 7.51 13.73 13.18
N THR A 149 8.84 13.79 13.18
CA THR A 149 9.63 12.78 12.48
C THR A 149 9.42 11.39 13.06
N GLN A 150 8.76 11.28 14.22
CA GLN A 150 8.44 10.01 14.84
C GLN A 150 7.09 9.45 14.40
N ASN A 151 6.19 10.30 13.91
CA ASN A 151 4.90 9.84 13.39
C ASN A 151 5.01 9.19 12.03
N ILE A 152 6.06 9.50 11.26
CA ILE A 152 6.20 9.06 9.88
C ILE A 152 6.84 7.69 9.89
N LEU A 153 6.07 6.65 9.56
CA LEU A 153 6.60 5.31 9.45
C LEU A 153 6.99 5.01 8.00
N LEU A 154 7.87 4.02 7.83
CA LEU A 154 8.43 3.69 6.53
C LEU A 154 8.30 2.19 6.28
N ASP A 155 7.64 1.83 5.18
CA ASP A 155 7.39 0.42 4.87
C ASP A 155 8.64 -0.21 4.25
N ASN A 156 8.47 -1.39 3.65
CA ASN A 156 9.62 -2.11 3.10
C ASN A 156 10.42 -1.27 2.13
N GLU A 157 9.75 -0.46 1.31
CA GLU A 157 10.41 0.34 0.30
C GLU A 157 10.59 1.80 0.73
N PHE A 158 10.52 2.06 2.04
CA PHE A 158 10.71 3.41 2.58
C PHE A 158 9.72 4.40 1.97
N HIS A 159 8.46 4.00 1.93
CA HIS A 159 7.36 4.89 1.55
C HIS A 159 6.67 5.40 2.81
N VAL A 160 6.32 6.69 2.80
CA VAL A 160 5.80 7.33 4.00
C VAL A 160 4.42 6.80 4.33
N LYS A 161 4.18 6.59 5.62
CA LYS A 161 2.85 6.27 6.15
C LYS A 161 2.69 7.09 7.42
N ILE A 162 1.75 8.00 7.42
CA ILE A 162 1.54 8.90 8.55
C ILE A 162 0.65 8.21 9.56
N ALA A 163 0.78 8.62 10.83
CA ALA A 163 -0.03 8.07 11.90
C ALA A 163 -0.22 9.13 12.97
N ASP A 164 -1.13 8.87 13.90
CA ASP A 164 -1.34 9.73 15.07
C ASP A 164 -2.02 11.05 14.74
N PHE A 165 -3.22 10.98 14.13
CA PHE A 165 -3.95 12.16 13.70
C PHE A 165 -4.85 12.76 14.77
N GLY A 166 -5.29 11.98 15.75
CA GLY A 166 -6.32 12.41 16.68
C GLY A 166 -5.77 12.86 18.03
N LEU A 167 -6.66 13.48 18.80
CA LEU A 167 -6.33 14.04 20.11
C LEU A 167 -5.77 13.00 21.08
N GLY A 188 12.21 18.14 22.21
CA GLY A 188 11.32 17.02 22.02
C GLY A 188 10.15 17.31 21.09
N THR A 189 8.94 17.31 21.64
CA THR A 189 7.74 17.61 20.86
C THR A 189 7.47 19.09 20.74
N ILE A 190 8.34 19.95 21.29
CA ILE A 190 8.15 21.39 21.19
C ILE A 190 8.83 21.98 19.96
N ILE A 191 9.77 21.25 19.34
CA ILE A 191 10.45 21.75 18.15
C ILE A 191 9.46 22.11 17.06
N TYR A 192 8.39 21.32 16.94
CA TYR A 192 7.42 21.42 15.87
C TYR A 192 6.20 22.27 16.23
N MET A 193 6.28 23.08 17.25
CA MET A 193 5.08 23.84 17.61
C MET A 193 5.18 25.27 17.12
N PRO A 194 4.17 25.76 16.40
CA PRO A 194 4.22 27.15 15.92
C PRO A 194 4.20 28.12 17.08
N PRO A 195 4.68 29.35 16.87
CA PRO A 195 4.75 30.32 17.96
C PRO A 195 3.38 30.72 18.53
N GLU A 196 2.35 30.78 17.70
CA GLU A 196 1.03 31.22 18.15
C GLU A 196 0.33 30.22 19.07
N ASN A 197 0.96 29.10 19.42
CA ASN A 197 0.35 28.14 20.34
C ASN A 197 0.92 28.26 21.75
N TYR A 198 2.00 29.01 21.93
CA TYR A 198 2.57 29.25 23.25
C TYR A 198 1.60 30.03 24.14
N GLU A 199 0.83 30.92 23.55
CA GLU A 199 -0.17 31.76 24.22
C GLU A 199 -1.35 30.93 24.72
N PRO A 200 -1.41 30.64 26.03
CA PRO A 200 -2.37 29.75 26.69
C PRO A 200 -3.82 30.21 26.53
N SER A 207 -5.81 24.94 13.82
CA SER A 207 -5.80 25.62 12.54
C SER A 207 -5.09 24.78 11.48
N ILE A 208 -5.40 25.04 10.21
CA ILE A 208 -4.73 24.35 9.11
C ILE A 208 -3.27 24.75 9.04
N LYS A 209 -3.00 26.05 9.13
CA LYS A 209 -1.64 26.55 8.97
C LYS A 209 -0.71 25.85 9.96
N HIS A 210 -1.21 25.58 11.17
CA HIS A 210 -0.44 24.86 12.18
C HIS A 210 0.39 23.75 11.53
N ASP A 211 -0.31 22.83 10.86
CA ASP A 211 0.37 21.63 10.36
C ASP A 211 1.53 22.00 9.44
N ILE A 212 1.30 22.92 8.51
CA ILE A 212 2.36 23.24 7.56
C ILE A 212 3.62 23.66 8.29
N TYR A 213 3.47 24.45 9.37
CA TYR A 213 4.63 24.84 10.16
C TYR A 213 5.47 23.61 10.50
N SER A 214 4.87 22.64 11.18
CA SER A 214 5.60 21.41 11.50
C SER A 214 6.31 20.88 10.25
N TYR A 215 5.57 20.73 9.15
CA TYR A 215 6.16 20.18 7.93
C TYR A 215 7.44 20.93 7.57
N ALA A 216 7.38 22.26 7.53
CA ALA A 216 8.57 23.05 7.23
C ALA A 216 9.75 22.58 8.07
N VAL A 217 9.57 22.58 9.40
CA VAL A 217 10.63 22.14 10.30
C VAL A 217 11.16 20.78 9.86
N ILE A 218 10.26 19.82 9.65
CA ILE A 218 10.69 18.48 9.25
C ILE A 218 11.60 18.57 8.03
N THR A 219 11.16 19.32 7.01
CA THR A 219 11.98 19.48 5.81
C THR A 219 13.40 19.90 6.18
N TRP A 220 13.52 20.92 7.01
CA TRP A 220 14.85 21.32 7.52
C TRP A 220 15.56 20.12 8.11
N GLU A 221 14.95 19.50 9.13
CA GLU A 221 15.54 18.35 9.78
C GLU A 221 15.79 17.21 8.81
N VAL A 222 15.12 17.21 7.66
CA VAL A 222 15.32 16.15 6.68
C VAL A 222 16.46 16.48 5.71
N LEU A 223 16.68 17.76 5.41
CA LEU A 223 17.76 18.13 4.50
C LEU A 223 19.10 18.30 5.21
N SER A 224 19.08 18.44 6.54
CA SER A 224 20.30 18.64 7.31
C SER A 224 20.73 17.41 8.11
N ARG A 225 19.81 16.51 8.44
CA ARG A 225 20.11 15.39 9.33
C ARG A 225 20.68 15.90 10.65
N LYS A 226 20.11 17.00 11.15
CA LYS A 226 20.61 17.66 12.33
C LYS A 226 19.45 17.98 13.26
N GLN A 227 19.74 18.01 14.55
CA GLN A 227 18.71 18.30 15.55
C GLN A 227 18.44 19.80 15.59
N PRO A 228 17.22 20.26 15.34
CA PRO A 228 16.95 21.70 15.42
C PRO A 228 17.21 22.22 16.83
N PHE A 229 17.86 23.37 16.91
CA PHE A 229 18.22 24.00 18.18
C PHE A 229 19.11 23.08 19.02
N GLU A 230 20.18 22.58 18.39
CA GLU A 230 21.09 21.69 19.10
C GLU A 230 21.72 22.37 20.31
N ASP A 231 22.18 23.62 20.13
CA ASP A 231 22.89 24.33 21.19
C ASP A 231 21.98 24.66 22.37
N VAL A 232 20.67 24.76 22.14
CA VAL A 232 19.75 25.05 23.23
C VAL A 232 19.59 23.80 24.09
N THR A 233 19.65 23.98 25.40
CA THR A 233 19.54 22.87 26.34
C THR A 233 18.20 22.82 27.06
N ASN A 234 17.54 23.95 27.25
CA ASN A 234 16.23 23.99 27.89
C ASN A 234 15.17 24.27 26.85
N PRO A 235 14.09 23.48 26.79
CA PRO A 235 13.09 23.69 25.73
C PRO A 235 12.45 25.06 25.76
N LEU A 236 12.37 25.69 26.94
CA LEU A 236 11.85 27.05 27.00
C LEU A 236 12.73 28.01 26.22
N GLN A 237 14.03 27.71 26.12
CA GLN A 237 14.88 28.51 25.23
C GLN A 237 14.38 28.42 23.79
N ILE A 238 13.99 27.22 23.37
CA ILE A 238 13.42 27.04 22.03
C ILE A 238 12.13 27.85 21.89
N MET A 239 11.26 27.75 22.89
CA MET A 239 10.00 28.50 22.84
C MET A 239 10.27 30.00 22.76
N TYR A 240 11.21 30.50 23.55
CA TYR A 240 11.55 31.92 23.54
C TYR A 240 12.10 32.35 22.18
N SER A 241 13.04 31.57 21.63
CA SER A 241 13.64 31.94 20.36
C SER A 241 12.60 31.95 19.25
N VAL A 242 11.71 30.96 19.22
CA VAL A 242 10.70 30.91 18.17
C VAL A 242 9.68 32.03 18.35
N SER A 243 9.27 32.30 19.60
CA SER A 243 8.36 33.41 19.85
C SER A 243 9.00 34.75 19.50
N GLN A 244 10.33 34.82 19.47
CA GLN A 244 11.00 36.00 18.96
C GLN A 244 11.20 35.95 17.45
N GLY A 245 10.60 34.98 16.78
CA GLY A 245 10.70 34.87 15.35
C GLY A 245 11.97 34.22 14.84
N HIS A 246 12.69 33.49 15.69
CA HIS A 246 13.91 32.82 15.29
C HIS A 246 13.65 31.34 15.06
N ARG A 247 14.26 30.80 14.01
CA ARG A 247 14.09 29.41 13.61
C ARG A 247 15.44 28.72 13.50
N PRO A 248 15.49 27.41 13.24
CA PRO A 248 16.77 26.72 13.09
C PRO A 248 17.70 27.43 12.10
N VAL A 249 19.00 27.17 12.23
CA VAL A 249 19.99 27.91 11.45
C VAL A 249 19.88 27.53 9.98
N ILE A 250 20.07 28.52 9.12
CA ILE A 250 20.19 28.32 7.69
C ILE A 250 21.59 28.80 7.31
N ASN A 251 22.50 27.86 7.06
CA ASN A 251 23.90 28.20 6.84
C ASN A 251 24.50 27.21 5.85
N GLU A 252 25.83 27.23 5.74
CA GLU A 252 26.55 26.35 4.82
C GLU A 252 26.74 24.95 5.40
N GLU A 253 26.79 24.83 6.73
CA GLU A 253 27.02 23.54 7.38
C GLU A 253 25.72 22.77 7.59
N SER A 254 24.69 23.42 8.13
CA SER A 254 23.43 22.72 8.37
C SER A 254 22.84 22.19 7.07
N LEU A 255 22.88 22.99 6.01
CA LEU A 255 22.38 22.60 4.70
C LEU A 255 23.48 22.77 3.66
N PRO A 256 24.17 21.70 3.26
CA PRO A 256 25.24 21.83 2.28
C PRO A 256 24.71 22.30 0.93
N TYR A 257 25.59 22.94 0.16
CA TYR A 257 25.26 23.35 -1.20
C TYR A 257 24.99 22.16 -2.10
N ASP A 258 25.49 20.98 -1.76
CA ASP A 258 25.20 19.78 -2.54
C ASP A 258 23.71 19.52 -2.68
N ILE A 259 22.90 20.04 -1.77
CA ILE A 259 21.47 19.71 -1.74
C ILE A 259 20.83 20.14 -3.06
N PRO A 260 20.08 19.27 -3.72
CA PRO A 260 19.39 19.66 -4.95
C PRO A 260 18.28 20.68 -4.67
N HIS A 261 18.05 21.54 -5.65
CA HIS A 261 16.98 22.55 -5.58
C HIS A 261 17.03 23.31 -4.26
N ARG A 262 18.23 23.64 -3.81
CA ARG A 262 18.42 24.18 -2.47
C ARG A 262 17.58 25.46 -2.26
N ALA A 263 17.64 26.39 -3.21
CA ALA A 263 17.00 27.69 -3.02
C ALA A 263 15.48 27.56 -2.91
N ARG A 264 14.87 26.73 -3.77
CA ARG A 264 13.42 26.54 -3.70
C ARG A 264 13.02 25.95 -2.35
N MET A 265 13.75 24.94 -1.88
CA MET A 265 13.47 24.35 -0.58
C MET A 265 13.59 25.36 0.53
N ILE A 266 14.62 26.23 0.44
CA ILE A 266 14.82 27.22 1.49
C ILE A 266 13.68 28.22 1.51
N SER A 267 13.25 28.68 0.34
CA SER A 267 12.11 29.59 0.29
C SER A 267 10.85 28.93 0.84
N LEU A 268 10.60 27.69 0.42
CA LEU A 268 9.44 26.95 0.91
C LEU A 268 9.47 26.83 2.43
N ILE A 269 10.63 26.45 2.99
CA ILE A 269 10.75 26.28 4.43
C ILE A 269 10.50 27.61 5.14
N GLU A 270 11.22 28.66 4.73
CA GLU A 270 11.15 29.93 5.45
C GLU A 270 9.76 30.52 5.39
N SER A 271 9.07 30.39 4.26
CA SER A 271 7.69 30.84 4.20
C SER A 271 6.75 29.89 4.93
N GLY A 272 7.15 28.63 5.10
CA GLY A 272 6.31 27.65 5.77
C GLY A 272 6.34 27.73 7.27
N TRP A 273 7.34 28.40 7.85
CA TRP A 273 7.41 28.58 9.30
C TRP A 273 7.29 30.04 9.70
N ALA A 274 6.70 30.86 8.83
CA ALA A 274 6.57 32.28 9.11
C ALA A 274 5.89 32.52 10.44
N GLN A 275 6.32 33.57 11.14
CA GLN A 275 5.73 33.91 12.43
C GLN A 275 4.22 34.04 12.33
N ASN A 276 3.73 34.63 11.25
CA ASN A 276 2.31 34.86 11.02
C ASN A 276 1.68 33.65 10.35
N PRO A 277 0.60 33.09 10.92
CA PRO A 277 -0.02 31.91 10.29
C PRO A 277 -0.50 32.16 8.87
N ASP A 278 -1.12 33.32 8.62
CA ASP A 278 -1.72 33.56 7.31
C ASP A 278 -0.68 33.51 6.20
N GLU A 279 0.57 33.85 6.51
CA GLU A 279 1.63 33.83 5.50
C GLU A 279 2.09 32.42 5.16
N ARG A 280 1.71 31.42 5.94
CA ARG A 280 2.15 30.06 5.63
C ARG A 280 1.24 29.43 4.58
N PRO A 281 1.79 28.75 3.58
CA PRO A 281 0.97 28.23 2.49
C PRO A 281 0.26 26.94 2.88
N SER A 282 -0.82 26.66 2.15
CA SER A 282 -1.48 25.37 2.25
C SER A 282 -0.60 24.28 1.64
N PHE A 283 -0.92 23.04 1.98
CA PHE A 283 -0.14 21.92 1.46
C PHE A 283 -0.31 21.74 -0.04
N LEU A 284 -1.36 22.31 -0.63
CA LEU A 284 -1.51 22.20 -2.08
C LEU A 284 -0.48 23.07 -2.80
N LYS A 285 -0.26 24.29 -2.30
CA LYS A 285 0.81 25.11 -2.86
C LYS A 285 2.15 24.41 -2.72
N CYS A 286 2.37 23.76 -1.58
CA CYS A 286 3.62 23.03 -1.36
C CYS A 286 3.75 21.88 -2.34
N LEU A 287 2.67 21.15 -2.57
CA LEU A 287 2.71 20.03 -3.52
C LEU A 287 3.00 20.53 -4.94
N ILE A 288 2.36 21.64 -5.32
CA ILE A 288 2.59 22.21 -6.64
C ILE A 288 4.02 22.70 -6.77
N GLU A 289 4.62 23.14 -5.65
CA GLU A 289 6.00 23.60 -5.69
C GLU A 289 6.98 22.44 -5.68
N LEU A 290 6.59 21.30 -5.10
CA LEU A 290 7.49 20.15 -4.95
C LEU A 290 7.48 19.22 -6.16
N GLU A 291 6.32 19.02 -6.78
CA GLU A 291 6.22 18.09 -7.91
C GLU A 291 7.32 18.28 -8.94
N PRO A 292 7.55 19.47 -9.48
CA PRO A 292 8.67 19.64 -10.41
C PRO A 292 10.01 19.29 -9.81
N VAL A 293 10.15 19.35 -8.48
CA VAL A 293 11.41 19.01 -7.83
C VAL A 293 11.63 17.50 -7.87
N LEU A 294 10.61 16.73 -7.44
CA LEU A 294 10.70 15.28 -7.54
C LEU A 294 10.83 14.84 -8.99
N ARG A 295 10.33 15.65 -9.93
CA ARG A 295 10.34 15.25 -11.33
C ARG A 295 11.76 15.19 -11.92
N THR A 296 12.75 15.79 -11.26
CA THR A 296 14.11 15.76 -11.79
C THR A 296 14.84 14.46 -11.47
N PHE A 297 14.29 13.62 -10.61
CA PHE A 297 14.87 12.33 -10.26
C PHE A 297 14.26 11.22 -11.11
N GLU A 298 15.11 10.34 -11.61
CA GLU A 298 14.63 9.20 -12.38
C GLU A 298 13.96 8.18 -11.46
N GLU A 299 13.04 7.38 -12.03
CA GLU A 299 12.30 6.43 -11.22
C GLU A 299 13.23 5.41 -10.59
N ILE A 300 14.27 5.00 -11.31
CA ILE A 300 15.16 3.95 -10.81
C ILE A 300 16.11 4.48 -9.75
N THR A 301 16.40 5.78 -9.73
CA THR A 301 17.29 6.31 -8.71
C THR A 301 16.70 6.11 -7.33
N PHE A 302 15.37 6.14 -7.20
CA PHE A 302 14.73 5.88 -5.91
C PHE A 302 15.08 4.49 -5.40
N LEU A 303 14.80 3.47 -6.22
CA LEU A 303 15.12 2.10 -5.82
C LEU A 303 16.62 1.94 -5.58
N GLU A 304 17.44 2.63 -6.38
CA GLU A 304 18.88 2.54 -6.19
C GLU A 304 19.27 3.07 -4.82
N ALA A 305 18.71 4.20 -4.42
CA ALA A 305 18.98 4.75 -3.09
C ALA A 305 18.50 3.81 -2.00
N VAL A 306 17.32 3.21 -2.18
CA VAL A 306 16.78 2.34 -1.14
C VAL A 306 17.65 1.11 -0.97
N ILE A 307 18.04 0.49 -2.08
CA ILE A 307 18.86 -0.72 -2.00
C ILE A 307 20.26 -0.39 -1.50
N GLN A 308 20.80 0.78 -1.89
CA GLN A 308 22.08 1.21 -1.36
C GLN A 308 22.01 1.43 0.14
N LEU A 309 20.90 1.98 0.62
CA LEU A 309 20.72 2.17 2.05
C LEU A 309 20.69 0.82 2.78
N LYS A 310 19.94 -0.14 2.23
CA LYS A 310 19.91 -1.47 2.84
C LYS A 310 21.29 -2.12 2.82
N LYS A 311 22.08 -1.85 1.77
CA LYS A 311 23.41 -2.46 1.68
C LYS A 311 24.39 -1.83 2.66
N THR A 312 24.35 -0.50 2.79
CA THR A 312 25.20 0.16 3.79
C THR A 312 24.82 -0.28 5.19
N LYS A 313 23.52 -0.46 5.44
CA LYS A 313 23.10 -0.98 6.74
C LYS A 313 23.47 -2.45 6.91
N LEU A 314 23.49 -3.21 5.80
CA LEU A 314 23.90 -4.62 5.88
C LEU A 314 25.39 -4.75 6.19
N GLN A 315 26.22 -3.88 5.62
CA GLN A 315 27.65 -3.91 5.89
C GLN A 315 28.04 -2.78 6.84
N ALA B 5 -19.39 -0.96 14.56
CA ALA B 5 -19.66 0.30 15.25
C ALA B 5 -18.94 1.48 14.58
N ILE B 6 -17.84 1.18 13.88
CA ILE B 6 -17.06 2.20 13.19
C ILE B 6 -17.37 2.10 11.70
N CYS B 7 -18.11 3.07 11.18
CA CYS B 7 -18.44 3.13 9.77
C CYS B 7 -17.54 4.12 9.05
N SER B 8 -17.28 3.85 7.78
CA SER B 8 -16.45 4.71 6.95
C SER B 8 -17.14 4.90 5.61
N ALA B 9 -17.36 6.16 5.24
CA ALA B 9 -18.06 6.48 4.00
C ALA B 9 -17.05 6.73 2.89
N LEU B 10 -17.23 6.04 1.77
CA LEU B 10 -16.34 6.20 0.63
C LEU B 10 -16.50 7.60 0.07
N PRO B 11 -15.43 8.41 -0.02
CA PRO B 11 -15.57 9.75 -0.56
C PRO B 11 -16.14 9.72 -1.97
N THR B 12 -17.00 10.69 -2.27
CA THR B 12 -17.56 10.85 -3.61
C THR B 12 -16.72 11.87 -4.36
N ILE B 13 -15.89 11.40 -5.29
CA ILE B 13 -14.97 12.28 -6.00
C ILE B 13 -15.70 12.94 -7.16
N PRO B 14 -15.69 14.26 -7.25
CA PRO B 14 -16.31 14.93 -8.40
C PRO B 14 -15.58 14.61 -9.70
N TYR B 15 -16.36 14.56 -10.79
CA TYR B 15 -15.78 14.26 -12.09
C TYR B 15 -14.78 15.32 -12.52
N HIS B 16 -15.09 16.59 -12.24
CA HIS B 16 -14.24 17.68 -12.70
C HIS B 16 -12.91 17.75 -11.96
N LYS B 17 -12.71 16.92 -10.94
CA LYS B 17 -11.42 16.85 -10.25
C LYS B 17 -10.48 15.83 -10.86
N LEU B 18 -10.85 15.21 -11.98
CA LEU B 18 -10.03 14.21 -12.66
C LEU B 18 -9.52 14.83 -13.95
N ALA B 19 -8.23 15.19 -13.96
CA ALA B 19 -7.61 15.84 -15.11
C ALA B 19 -6.68 14.87 -15.82
N ASP B 20 -6.54 15.07 -17.13
CA ASP B 20 -5.57 14.34 -17.94
C ASP B 20 -5.97 12.87 -18.11
N LEU B 21 -7.24 12.66 -18.44
CA LEU B 21 -7.73 11.32 -18.67
C LEU B 21 -7.19 10.77 -19.98
N ARG B 22 -6.83 9.49 -19.98
CA ARG B 22 -6.32 8.84 -21.18
C ARG B 22 -6.75 7.39 -21.17
N TYR B 23 -7.38 6.94 -22.25
CA TYR B 23 -7.80 5.55 -22.35
C TYR B 23 -6.59 4.65 -22.15
N LEU B 24 -6.57 3.94 -21.03
CA LEU B 24 -5.48 3.05 -20.71
C LEU B 24 -5.71 1.65 -21.28
N SER B 25 -6.90 1.10 -21.11
CA SER B 25 -7.20 -0.20 -21.69
C SER B 25 -8.70 -0.46 -21.62
N ARG B 26 -9.26 -0.96 -22.71
CA ARG B 26 -10.66 -1.35 -22.76
C ARG B 26 -10.77 -2.86 -22.60
N GLY B 27 -11.88 -3.31 -22.03
CA GLY B 27 -12.04 -4.73 -21.78
C GLY B 27 -13.48 -5.07 -21.46
N ALA B 28 -13.71 -6.36 -21.22
CA ALA B 28 -15.06 -6.85 -20.97
C ALA B 28 -15.66 -6.18 -19.73
N SER B 29 -14.91 -6.15 -18.63
CA SER B 29 -15.40 -5.53 -17.40
C SER B 29 -15.54 -4.02 -17.50
N GLY B 30 -15.19 -3.43 -18.65
CA GLY B 30 -15.29 -2.01 -18.87
C GLY B 30 -13.96 -1.46 -19.34
N THR B 31 -13.84 -0.14 -19.29
CA THR B 31 -12.63 0.54 -19.72
C THR B 31 -11.98 1.23 -18.52
N VAL B 32 -10.64 1.20 -18.49
CA VAL B 32 -9.86 1.81 -17.43
C VAL B 32 -8.98 2.87 -18.05
N SER B 33 -9.04 4.07 -17.51
CA SER B 33 -8.22 5.19 -17.93
C SER B 33 -7.37 5.67 -16.76
N SER B 34 -6.39 6.50 -17.06
CA SER B 34 -5.56 7.15 -16.04
C SER B 34 -5.96 8.61 -15.92
N ALA B 35 -5.75 9.18 -14.74
CA ALA B 35 -6.09 10.58 -14.50
C ALA B 35 -5.30 11.06 -13.30
N ARG B 36 -5.43 12.36 -13.01
CA ARG B 36 -4.74 12.99 -11.89
C ARG B 36 -5.75 13.82 -11.10
N HIS B 37 -5.63 13.78 -9.77
CA HIS B 37 -6.54 14.50 -8.90
C HIS B 37 -6.09 15.94 -8.73
N ALA B 38 -7.05 16.86 -8.73
CA ALA B 38 -6.72 18.28 -8.62
C ALA B 38 -6.30 18.64 -7.20
N ASP B 39 -7.00 18.11 -6.21
CA ASP B 39 -6.71 18.44 -4.82
C ASP B 39 -5.71 17.49 -4.18
N TRP B 40 -5.83 16.18 -4.43
CA TRP B 40 -4.95 15.19 -3.81
C TRP B 40 -3.56 15.14 -4.44
N ARG B 41 -3.42 15.66 -5.65
CA ARG B 41 -2.12 15.77 -6.32
C ARG B 41 -1.45 14.40 -6.45
N VAL B 42 -2.23 13.43 -6.95
CA VAL B 42 -1.75 12.07 -7.15
C VAL B 42 -2.40 11.46 -8.38
N GLN B 43 -1.70 10.49 -8.97
CA GLN B 43 -2.21 9.75 -10.11
C GLN B 43 -3.15 8.65 -9.65
N VAL B 44 -4.17 8.39 -10.46
CA VAL B 44 -5.19 7.41 -10.11
C VAL B 44 -5.71 6.76 -11.39
N ALA B 45 -6.29 5.59 -11.24
CA ALA B 45 -6.95 4.90 -12.33
C ALA B 45 -8.46 4.98 -12.12
N VAL B 46 -9.19 5.05 -13.23
CA VAL B 46 -10.63 5.21 -13.19
C VAL B 46 -11.25 4.15 -14.11
N LYS B 47 -12.15 3.35 -13.57
CA LYS B 47 -12.90 2.36 -14.33
C LYS B 47 -14.27 2.96 -14.61
N HIS B 48 -14.64 3.01 -15.88
CA HIS B 48 -15.83 3.73 -16.33
C HIS B 48 -16.73 2.89 -17.23
N LEU B 49 -17.73 3.53 -17.84
CA LEU B 49 -18.77 2.85 -18.61
C LEU B 49 -18.62 3.14 -20.11
N HIS B 50 -19.39 2.40 -20.90
CA HIS B 50 -19.38 2.56 -22.35
C HIS B 50 -20.51 3.47 -22.83
N LEU B 55 -26.82 5.41 -19.27
CA LEU B 55 -26.64 4.39 -18.23
C LEU B 55 -27.98 4.01 -17.60
N LEU B 56 -28.29 2.71 -17.65
CA LEU B 56 -29.46 2.18 -16.95
C LEU B 56 -29.25 2.20 -15.45
N ASP B 57 -30.36 2.08 -14.71
CA ASP B 57 -30.26 2.00 -13.26
C ASP B 57 -29.62 0.69 -12.79
N SER B 58 -29.82 -0.39 -13.56
CA SER B 58 -29.18 -1.65 -13.20
C SER B 58 -27.66 -1.53 -13.28
N GLU B 59 -27.15 -0.85 -14.30
CA GLU B 59 -25.71 -0.62 -14.41
C GLU B 59 -25.20 0.15 -13.20
N ARG B 60 -25.91 1.21 -12.81
CA ARG B 60 -25.50 2.00 -11.64
C ARG B 60 -25.51 1.16 -10.37
N LYS B 61 -26.53 0.31 -10.20
CA LYS B 61 -26.59 -0.54 -9.01
C LYS B 61 -25.42 -1.52 -8.99
N ASP B 62 -25.08 -2.09 -10.15
CA ASP B 62 -23.96 -3.03 -10.19
C ASP B 62 -22.63 -2.32 -9.91
N VAL B 63 -22.48 -1.10 -10.44
CA VAL B 63 -21.27 -0.32 -10.15
C VAL B 63 -21.17 -0.04 -8.67
N LEU B 64 -22.30 0.29 -8.03
CA LEU B 64 -22.28 0.52 -6.59
C LEU B 64 -21.93 -0.76 -5.84
N ARG B 65 -22.42 -1.90 -6.33
CA ARG B 65 -22.06 -3.17 -5.72
C ARG B 65 -20.55 -3.38 -5.76
N GLU B 66 -19.94 -3.17 -6.94
CA GLU B 66 -18.49 -3.31 -7.05
C GLU B 66 -17.77 -2.35 -6.12
N ALA B 67 -18.23 -1.10 -6.06
CA ALA B 67 -17.55 -0.11 -5.23
C ALA B 67 -17.61 -0.51 -3.76
N GLU B 68 -18.78 -0.93 -3.29
CA GLU B 68 -18.91 -1.30 -1.88
C GLU B 68 -18.17 -2.58 -1.57
N ILE B 69 -18.03 -3.49 -2.53
CA ILE B 69 -17.23 -4.69 -2.30
C ILE B 69 -15.76 -4.34 -2.20
N LEU B 70 -15.26 -3.49 -3.10
CA LEU B 70 -13.87 -3.03 -2.97
C LEU B 70 -13.65 -2.31 -1.64
N HIS B 71 -14.59 -1.45 -1.26
CA HIS B 71 -14.42 -0.66 -0.04
C HIS B 71 -14.46 -1.54 1.20
N LYS B 72 -15.30 -2.57 1.19
CA LYS B 72 -15.44 -3.43 2.37
C LYS B 72 -14.33 -4.48 2.47
N ALA B 73 -13.52 -4.63 1.43
CA ALA B 73 -12.44 -5.62 1.42
C ALA B 73 -11.06 -4.96 1.41
N ARG B 74 -10.93 -3.79 2.02
CA ARG B 74 -9.67 -3.06 2.00
C ARG B 74 -8.58 -3.88 2.67
N PHE B 75 -7.59 -4.32 1.89
CA PHE B 75 -6.50 -5.13 2.40
C PHE B 75 -5.23 -4.77 1.63
N SER B 76 -4.08 -5.16 2.21
CA SER B 76 -2.79 -4.75 1.67
C SER B 76 -2.56 -5.27 0.27
N TYR B 77 -3.20 -6.37 -0.12
CA TYR B 77 -3.06 -6.94 -1.45
C TYR B 77 -4.36 -6.87 -2.25
N ILE B 78 -5.27 -5.98 -1.85
CA ILE B 78 -6.52 -5.73 -2.56
C ILE B 78 -6.46 -4.32 -3.10
N LEU B 79 -6.82 -4.16 -4.38
CA LEU B 79 -6.74 -2.86 -5.03
C LEU B 79 -7.37 -1.79 -4.13
N PRO B 80 -6.60 -0.81 -3.69
CA PRO B 80 -7.14 0.22 -2.80
C PRO B 80 -8.03 1.23 -3.53
N ILE B 81 -9.32 1.20 -3.23
CA ILE B 81 -10.25 2.18 -3.80
C ILE B 81 -10.12 3.50 -3.05
N LEU B 82 -10.14 4.61 -3.78
CA LEU B 82 -10.02 5.93 -3.18
C LEU B 82 -11.36 6.65 -3.05
N GLY B 83 -12.22 6.54 -4.04
CA GLY B 83 -13.50 7.20 -4.00
C GLY B 83 -14.32 6.85 -5.23
N ILE B 84 -15.58 7.25 -5.19
CA ILE B 84 -16.52 7.02 -6.28
C ILE B 84 -16.88 8.36 -6.91
N CYS B 85 -16.98 8.38 -8.24
CA CYS B 85 -17.45 9.55 -8.98
C CYS B 85 -18.88 9.28 -9.43
N ASN B 86 -19.83 9.91 -8.75
CA ASN B 86 -21.26 9.69 -8.98
C ASN B 86 -21.90 11.02 -9.36
N GLU B 87 -21.98 11.28 -10.66
CA GLU B 87 -22.60 12.48 -11.19
C GLU B 87 -23.48 12.09 -12.37
N PRO B 88 -24.48 12.92 -12.69
CA PRO B 88 -25.34 12.58 -13.84
C PRO B 88 -24.57 12.40 -15.13
N GLU B 89 -23.48 13.15 -15.32
CA GLU B 89 -22.70 13.05 -16.54
C GLU B 89 -21.78 11.83 -16.55
N PHE B 90 -21.32 11.40 -15.38
CA PHE B 90 -20.33 10.34 -15.30
C PHE B 90 -20.50 9.54 -14.02
N LEU B 91 -20.12 8.27 -14.08
CA LEU B 91 -20.15 7.37 -12.93
C LEU B 91 -19.01 6.38 -13.08
N GLY B 92 -18.12 6.32 -12.11
CA GLY B 92 -16.94 5.47 -12.22
C GLY B 92 -16.27 5.23 -10.89
N ILE B 93 -15.41 4.20 -10.88
CA ILE B 93 -14.67 3.80 -9.68
C ILE B 93 -13.24 4.31 -9.80
N VAL B 94 -12.75 4.96 -8.74
CA VAL B 94 -11.40 5.51 -8.71
C VAL B 94 -10.55 4.68 -7.75
N THR B 95 -9.37 4.27 -8.22
CA THR B 95 -8.47 3.46 -7.42
C THR B 95 -7.04 3.94 -7.64
N GLU B 96 -6.12 3.36 -6.87
CA GLU B 96 -4.70 3.66 -7.04
C GLU B 96 -4.23 3.26 -8.43
N TYR B 97 -3.33 4.06 -8.99
CA TYR B 97 -2.75 3.77 -10.29
C TYR B 97 -1.65 2.73 -10.15
N MET B 98 -1.81 1.59 -10.81
CA MET B 98 -0.82 0.54 -10.82
C MET B 98 0.02 0.70 -12.09
N PRO B 99 1.18 1.36 -12.03
CA PRO B 99 1.86 1.71 -13.29
C PRO B 99 2.27 0.51 -14.11
N ASN B 100 2.86 -0.51 -13.47
CA ASN B 100 3.41 -1.66 -14.17
C ASN B 100 2.33 -2.63 -14.64
N GLY B 101 1.05 -2.27 -14.51
CA GLY B 101 -0.02 -3.04 -15.11
C GLY B 101 -0.24 -4.39 -14.46
N SER B 102 -0.71 -5.33 -15.26
CA SER B 102 -1.14 -6.64 -14.80
C SER B 102 -0.02 -7.66 -14.86
N LEU B 103 -0.20 -8.75 -14.10
CA LEU B 103 0.77 -9.84 -14.10
C LEU B 103 0.93 -10.45 -15.49
N ASN B 104 -0.12 -10.44 -16.29
CA ASN B 104 -0.04 -11.00 -17.65
C ASN B 104 1.06 -10.32 -18.45
N GLU B 105 1.09 -8.99 -18.41
CA GLU B 105 2.12 -8.25 -19.13
C GLU B 105 3.51 -8.64 -18.66
N LEU B 106 3.73 -8.67 -17.34
CA LEU B 106 5.03 -9.07 -16.82
C LEU B 106 5.44 -10.45 -17.34
N LEU B 107 4.49 -11.39 -17.35
CA LEU B 107 4.83 -12.76 -17.72
C LEU B 107 5.12 -12.90 -19.21
N HIS B 108 4.29 -12.30 -20.06
CA HIS B 108 4.32 -12.58 -21.49
C HIS B 108 4.77 -11.39 -22.33
N ARG B 109 5.52 -10.46 -21.75
CA ARG B 109 6.15 -9.39 -22.52
C ARG B 109 7.66 -9.56 -22.49
N LYS B 110 8.14 -10.70 -22.98
CA LYS B 110 9.54 -11.08 -22.84
C LYS B 110 10.50 -10.08 -23.48
N THR B 111 10.00 -9.20 -24.36
CA THR B 111 10.86 -8.18 -24.93
C THR B 111 11.27 -7.16 -23.87
N GLU B 112 10.29 -6.55 -23.19
CA GLU B 112 10.62 -5.62 -22.11
C GLU B 112 11.13 -6.37 -20.88
N TYR B 113 10.52 -7.50 -20.55
CA TYR B 113 10.89 -8.27 -19.37
C TYR B 113 11.55 -9.57 -19.78
N PRO B 114 12.85 -9.56 -20.11
CA PRO B 114 13.53 -10.78 -20.53
C PRO B 114 13.66 -11.80 -19.40
N ASP B 115 14.19 -11.36 -18.28
CA ASP B 115 14.36 -12.19 -17.10
C ASP B 115 13.47 -11.68 -15.98
N VAL B 116 12.96 -12.62 -15.18
CA VAL B 116 12.15 -12.32 -14.00
C VAL B 116 12.69 -13.20 -12.89
N ALA B 117 13.46 -12.62 -11.98
CA ALA B 117 14.11 -13.41 -10.93
C ALA B 117 13.08 -14.19 -10.14
N TRP B 118 13.43 -15.42 -9.79
CA TRP B 118 12.50 -16.28 -9.05
C TRP B 118 12.02 -15.64 -7.76
N PRO B 119 12.84 -14.92 -6.99
CA PRO B 119 12.32 -14.26 -5.79
C PRO B 119 11.08 -13.41 -6.05
N LEU B 120 11.07 -12.61 -7.11
CA LEU B 120 9.91 -11.77 -7.39
C LEU B 120 8.70 -12.60 -7.78
N ARG B 121 8.90 -13.64 -8.60
CA ARG B 121 7.78 -14.50 -8.94
C ARG B 121 7.15 -15.10 -7.70
N PHE B 122 7.99 -15.55 -6.76
CA PHE B 122 7.47 -16.17 -5.54
C PHE B 122 6.82 -15.13 -4.64
N ARG B 123 7.37 -13.91 -4.60
CA ARG B 123 6.69 -12.83 -3.87
C ARG B 123 5.30 -12.59 -4.42
N ILE B 124 5.17 -12.58 -5.75
CA ILE B 124 3.89 -12.33 -6.38
C ILE B 124 2.91 -13.45 -6.06
N LEU B 125 3.35 -14.71 -6.20
CA LEU B 125 2.50 -15.83 -5.82
C LEU B 125 2.06 -15.72 -4.36
N HIS B 126 3.00 -15.39 -3.48
CA HIS B 126 2.69 -15.29 -2.05
C HIS B 126 1.64 -14.21 -1.79
N GLU B 127 1.82 -13.04 -2.39
CA GLU B 127 0.89 -11.94 -2.16
C GLU B 127 -0.49 -12.24 -2.76
N ILE B 128 -0.52 -12.91 -3.91
CA ILE B 128 -1.81 -13.34 -4.48
C ILE B 128 -2.53 -14.27 -3.52
N ALA B 129 -1.82 -15.30 -3.04
CA ALA B 129 -2.43 -16.22 -2.08
C ALA B 129 -2.89 -15.50 -0.84
N LEU B 130 -2.12 -14.52 -0.36
CA LEU B 130 -2.49 -13.78 0.84
C LEU B 130 -3.77 -13.00 0.62
N GLY B 131 -3.88 -12.31 -0.52
CA GLY B 131 -5.08 -11.56 -0.81
C GLY B 131 -6.30 -12.46 -0.91
N VAL B 132 -6.18 -13.57 -1.64
CA VAL B 132 -7.32 -14.46 -1.81
C VAL B 132 -7.70 -15.10 -0.47
N ASN B 133 -6.71 -15.42 0.36
CA ASN B 133 -7.00 -16.00 1.67
C ASN B 133 -7.70 -14.99 2.56
N TYR B 134 -7.28 -13.72 2.49
CA TYR B 134 -8.00 -12.69 3.23
C TYR B 134 -9.43 -12.58 2.74
N LEU B 135 -9.65 -12.63 1.43
CA LEU B 135 -11.01 -12.61 0.91
C LEU B 135 -11.83 -13.77 1.44
N HIS B 136 -11.20 -14.94 1.58
CA HIS B 136 -11.94 -16.11 2.07
C HIS B 136 -12.23 -16.02 3.56
N ASN B 137 -11.32 -15.45 4.34
CA ASN B 137 -11.50 -15.39 5.79
C ASN B 137 -12.36 -14.22 6.24
N MET B 138 -13.07 -13.55 5.32
CA MET B 138 -13.97 -12.48 5.70
C MET B 138 -15.26 -13.03 6.29
N THR B 139 -16.16 -12.11 6.65
CA THR B 139 -17.47 -12.47 7.18
C THR B 139 -18.55 -11.58 6.57
N PRO B 140 -19.35 -12.11 5.64
CA PRO B 140 -19.22 -13.48 5.16
C PRO B 140 -18.04 -13.64 4.21
N PRO B 141 -17.61 -14.89 3.98
CA PRO B 141 -16.54 -15.12 3.01
C PRO B 141 -16.94 -14.61 1.63
N LEU B 142 -16.06 -13.80 1.04
CA LEU B 142 -16.25 -13.25 -0.29
C LEU B 142 -15.44 -14.07 -1.29
N LEU B 143 -16.11 -14.54 -2.34
CA LEU B 143 -15.47 -15.39 -3.35
C LEU B 143 -15.15 -14.58 -4.59
N HIS B 144 -13.90 -14.70 -5.05
CA HIS B 144 -13.49 -14.04 -6.30
C HIS B 144 -14.19 -14.67 -7.50
N HIS B 145 -14.02 -15.98 -7.68
CA HIS B 145 -14.65 -16.74 -8.76
C HIS B 145 -14.30 -16.22 -10.14
N ASP B 146 -13.20 -15.48 -10.27
CA ASP B 146 -12.67 -15.13 -11.57
C ASP B 146 -11.29 -14.50 -11.42
N LEU B 147 -10.31 -15.31 -11.03
CA LEU B 147 -8.93 -14.88 -10.89
C LEU B 147 -8.20 -15.08 -12.21
N LYS B 148 -7.55 -14.03 -12.70
CA LYS B 148 -6.70 -14.14 -13.88
C LYS B 148 -5.54 -13.15 -13.75
N THR B 149 -4.49 -13.41 -14.54
CA THR B 149 -3.33 -12.53 -14.55
C THR B 149 -3.67 -11.09 -14.94
N GLN B 150 -4.88 -10.83 -15.42
CA GLN B 150 -5.31 -9.47 -15.70
C GLN B 150 -5.97 -8.81 -14.50
N ASN B 151 -6.48 -9.59 -13.55
CA ASN B 151 -7.01 -9.02 -12.31
C ASN B 151 -5.88 -8.60 -11.38
N ILE B 152 -4.71 -9.24 -11.50
CA ILE B 152 -3.60 -9.00 -10.60
C ILE B 152 -2.78 -7.85 -11.16
N LEU B 153 -2.88 -6.68 -10.52
CA LEU B 153 -2.10 -5.53 -10.93
C LEU B 153 -0.83 -5.45 -10.09
N LEU B 154 0.14 -4.69 -10.60
CA LEU B 154 1.47 -4.60 -10.00
C LEU B 154 1.78 -3.13 -9.75
N ASP B 155 2.07 -2.82 -8.49
CA ASP B 155 2.30 -1.43 -8.08
C ASP B 155 3.72 -1.01 -8.46
N ASN B 156 4.15 0.14 -7.93
CA ASN B 156 5.47 0.65 -8.29
C ASN B 156 6.56 -0.38 -8.01
N GLU B 157 6.42 -1.11 -6.90
CA GLU B 157 7.42 -2.09 -6.49
C GLU B 157 7.03 -3.53 -6.83
N PHE B 158 6.11 -3.71 -7.78
CA PHE B 158 5.70 -5.04 -8.22
C PHE B 158 5.18 -5.86 -7.03
N HIS B 159 4.33 -5.24 -6.24
CA HIS B 159 3.57 -5.92 -5.20
C HIS B 159 2.17 -6.20 -5.73
N VAL B 160 1.63 -7.37 -5.39
CA VAL B 160 0.36 -7.80 -5.94
C VAL B 160 -0.77 -6.94 -5.41
N LYS B 161 -1.72 -6.60 -6.29
CA LYS B 161 -2.96 -5.94 -5.90
C LYS B 161 -4.10 -6.59 -6.66
N ILE B 162 -5.02 -7.24 -5.95
CA ILE B 162 -6.13 -7.93 -6.58
C ILE B 162 -7.27 -6.96 -6.81
N ALA B 163 -8.04 -7.20 -7.87
CA ALA B 163 -9.17 -6.36 -8.22
C ALA B 163 -10.20 -7.19 -8.97
N ASP B 164 -11.38 -6.60 -9.13
CA ASP B 164 -12.43 -7.18 -9.98
C ASP B 164 -13.10 -8.39 -9.35
N PHE B 165 -13.70 -8.23 -8.18
CA PHE B 165 -14.37 -9.35 -7.52
C PHE B 165 -15.79 -9.52 -8.02
N GLY B 188 -10.56 -16.53 -24.16
CA GLY B 188 -9.31 -17.05 -23.67
C GLY B 188 -9.12 -16.83 -22.18
N THR B 189 -10.22 -16.85 -21.44
CA THR B 189 -10.22 -16.60 -20.01
C THR B 189 -10.77 -17.77 -19.21
N ILE B 190 -11.07 -18.89 -19.87
CA ILE B 190 -11.65 -20.05 -19.20
C ILE B 190 -10.59 -20.96 -18.60
N ILE B 191 -9.32 -20.81 -18.97
CA ILE B 191 -8.28 -21.65 -18.42
C ILE B 191 -8.29 -21.61 -16.90
N TYR B 192 -8.66 -20.47 -16.32
CA TYR B 192 -8.62 -20.30 -14.87
C TYR B 192 -9.94 -20.64 -14.20
N MET B 193 -10.89 -21.24 -14.94
CA MET B 193 -12.20 -21.61 -14.41
C MET B 193 -12.26 -23.11 -14.22
N PRO B 194 -12.62 -23.58 -13.04
CA PRO B 194 -12.73 -25.02 -12.81
C PRO B 194 -13.83 -25.61 -13.67
N PRO B 195 -13.79 -26.92 -13.94
CA PRO B 195 -14.81 -27.52 -14.81
C PRO B 195 -16.22 -27.46 -14.25
N GLU B 196 -16.39 -27.54 -12.93
CA GLU B 196 -17.72 -27.54 -12.34
C GLU B 196 -18.40 -26.18 -12.43
N ASN B 197 -17.73 -25.17 -13.01
CA ASN B 197 -18.31 -23.84 -13.15
C ASN B 197 -18.73 -23.50 -14.59
N TYR B 198 -18.42 -24.34 -15.58
CA TYR B 198 -18.80 -23.97 -16.94
C TYR B 198 -20.30 -23.82 -17.07
N GLU B 199 -21.06 -24.83 -16.65
CA GLU B 199 -22.48 -24.62 -16.50
C GLU B 199 -22.67 -24.08 -15.10
N PRO B 200 -22.79 -22.76 -14.92
CA PRO B 200 -22.78 -22.21 -13.57
C PRO B 200 -23.94 -22.72 -12.71
N GLY B 201 -23.67 -23.78 -11.94
CA GLY B 201 -24.62 -24.20 -10.93
C GLY B 201 -24.63 -23.20 -9.79
N GLN B 202 -24.97 -21.95 -10.11
CA GLN B 202 -24.84 -20.86 -9.14
C GLN B 202 -25.48 -21.23 -7.81
N LYS B 203 -26.71 -21.73 -7.83
CA LYS B 203 -27.37 -22.13 -6.59
C LYS B 203 -26.68 -23.33 -5.96
N SER B 204 -26.23 -24.29 -6.78
CA SER B 204 -25.68 -25.54 -6.30
C SER B 204 -24.19 -25.45 -5.97
N ARG B 205 -23.39 -24.89 -6.89
CA ARG B 205 -21.93 -24.91 -6.76
C ARG B 205 -21.37 -23.53 -7.09
N ALA B 206 -21.78 -22.54 -6.29
CA ALA B 206 -21.01 -21.30 -6.14
C ALA B 206 -20.02 -21.57 -5.02
N SER B 207 -18.96 -22.30 -5.36
CA SER B 207 -18.14 -23.02 -4.41
C SER B 207 -16.92 -22.24 -3.96
N ILE B 208 -16.41 -22.61 -2.79
CA ILE B 208 -15.18 -22.02 -2.25
C ILE B 208 -13.97 -22.47 -3.07
N LYS B 209 -13.90 -23.77 -3.36
CA LYS B 209 -12.74 -24.33 -4.06
C LYS B 209 -12.49 -23.65 -5.40
N HIS B 210 -13.53 -23.16 -6.08
CA HIS B 210 -13.37 -22.50 -7.36
C HIS B 210 -12.08 -21.68 -7.41
N ASP B 211 -11.95 -20.71 -6.52
CA ASP B 211 -10.83 -19.77 -6.59
C ASP B 211 -9.50 -20.51 -6.56
N ILE B 212 -9.35 -21.49 -5.65
CA ILE B 212 -8.06 -22.17 -5.55
C ILE B 212 -7.67 -22.73 -6.91
N TYR B 213 -8.64 -23.31 -7.63
CA TYR B 213 -8.36 -23.81 -8.97
C TYR B 213 -7.63 -22.76 -9.78
N SER B 214 -8.25 -21.59 -9.94
CA SER B 214 -7.62 -20.50 -10.68
C SER B 214 -6.17 -20.33 -10.25
N TYR B 215 -5.96 -20.18 -8.94
CA TYR B 215 -4.61 -19.92 -8.43
C TYR B 215 -3.62 -20.94 -8.97
N ALA B 216 -3.96 -22.23 -8.86
CA ALA B 216 -3.08 -23.28 -9.36
C ALA B 216 -2.61 -22.93 -10.77
N VAL B 217 -3.57 -22.72 -11.67
CA VAL B 217 -3.23 -22.41 -13.06
C VAL B 217 -2.22 -21.26 -13.10
N ILE B 218 -2.54 -20.15 -12.43
CA ILE B 218 -1.65 -18.99 -12.46
C ILE B 218 -0.25 -19.40 -12.04
N THR B 219 -0.15 -20.14 -10.93
CA THR B 219 1.17 -20.60 -10.47
C THR B 219 1.94 -21.24 -11.60
N TRP B 220 1.30 -22.20 -12.30
CA TRP B 220 1.93 -22.80 -13.47
C TRP B 220 2.41 -21.74 -14.44
N GLU B 221 1.47 -20.89 -14.91
CA GLU B 221 1.83 -19.86 -15.88
C GLU B 221 2.89 -18.90 -15.34
N VAL B 222 3.08 -18.86 -14.02
CA VAL B 222 4.09 -17.98 -13.45
C VAL B 222 5.45 -18.68 -13.39
N LEU B 223 5.46 -19.99 -13.22
CA LEU B 223 6.71 -20.74 -13.16
C LEU B 223 7.22 -21.15 -14.53
N SER B 224 6.36 -21.13 -15.54
CA SER B 224 6.74 -21.51 -16.89
C SER B 224 6.83 -20.33 -17.86
N ARG B 225 6.11 -19.24 -17.59
CA ARG B 225 6.04 -18.11 -18.52
C ARG B 225 5.51 -18.58 -19.88
N LYS B 226 4.51 -19.46 -19.85
CA LYS B 226 3.96 -20.06 -21.06
C LYS B 226 2.44 -20.04 -21.00
N GLN B 227 1.82 -20.03 -22.17
CA GLN B 227 0.36 -20.00 -22.26
C GLN B 227 -0.22 -21.38 -21.97
N PRO B 228 -1.10 -21.51 -20.97
CA PRO B 228 -1.71 -22.81 -20.70
C PRO B 228 -2.51 -23.30 -21.90
N PHE B 229 -2.35 -24.59 -22.22
CA PHE B 229 -2.99 -25.18 -23.40
C PHE B 229 -2.53 -24.45 -24.67
N GLU B 230 -1.22 -24.32 -24.80
CA GLU B 230 -0.64 -23.63 -25.96
C GLU B 230 -1.05 -24.31 -27.26
N ASP B 231 -1.01 -25.64 -27.31
CA ASP B 231 -1.28 -26.34 -28.56
C ASP B 231 -2.73 -26.21 -28.99
N VAL B 232 -3.65 -26.07 -28.04
CA VAL B 232 -5.06 -25.94 -28.36
C VAL B 232 -5.37 -24.52 -28.82
N THR B 233 -6.13 -24.41 -29.91
CA THR B 233 -6.51 -23.12 -30.47
C THR B 233 -7.98 -22.77 -30.26
N ASN B 234 -8.87 -23.78 -30.09
CA ASN B 234 -10.28 -23.49 -29.88
C ASN B 234 -10.63 -23.65 -28.42
N PRO B 235 -11.24 -22.63 -27.80
CA PRO B 235 -11.51 -22.72 -26.35
C PRO B 235 -12.49 -23.81 -25.96
N LEU B 236 -13.43 -24.16 -26.83
CA LEU B 236 -14.33 -25.26 -26.49
C LEU B 236 -13.59 -26.57 -26.38
N GLN B 237 -12.55 -26.77 -27.19
CA GLN B 237 -11.68 -27.93 -27.02
C GLN B 237 -10.99 -27.90 -25.67
N ILE B 238 -10.54 -26.73 -25.24
CA ILE B 238 -9.92 -26.61 -23.92
C ILE B 238 -10.91 -27.01 -22.84
N MET B 239 -12.15 -26.50 -22.94
CA MET B 239 -13.15 -26.84 -21.94
C MET B 239 -13.40 -28.34 -21.89
N TYR B 240 -13.51 -28.97 -23.06
CA TYR B 240 -13.74 -30.41 -23.10
C TYR B 240 -12.57 -31.16 -22.48
N SER B 241 -11.33 -30.79 -22.85
CA SER B 241 -10.17 -31.48 -22.32
C SER B 241 -10.06 -31.32 -20.81
N VAL B 242 -10.33 -30.12 -20.30
CA VAL B 242 -10.23 -29.90 -18.86
C VAL B 242 -11.32 -30.68 -18.13
N SER B 243 -12.54 -30.69 -18.68
CA SER B 243 -13.58 -31.51 -18.09
C SER B 243 -13.25 -33.00 -18.16
N GLN B 244 -12.35 -33.39 -19.07
CA GLN B 244 -11.87 -34.76 -19.15
C GLN B 244 -10.73 -35.05 -18.17
N GLY B 245 -10.43 -34.14 -17.25
CA GLY B 245 -9.37 -34.36 -16.30
C GLY B 245 -7.98 -34.05 -16.79
N HIS B 246 -7.85 -33.29 -17.87
CA HIS B 246 -6.56 -32.91 -18.41
C HIS B 246 -6.20 -31.51 -17.95
N ARG B 247 -4.94 -31.34 -17.60
CA ARG B 247 -4.40 -30.06 -17.16
C ARG B 247 -3.17 -29.75 -17.99
N PRO B 248 -2.61 -28.56 -17.83
CA PRO B 248 -1.37 -28.23 -18.55
C PRO B 248 -0.28 -29.25 -18.27
N VAL B 249 0.65 -29.39 -19.22
CA VAL B 249 1.69 -30.40 -19.11
C VAL B 249 2.69 -30.00 -18.04
N ILE B 250 3.20 -30.99 -17.31
CA ILE B 250 4.27 -30.80 -16.33
C ILE B 250 5.44 -31.65 -16.80
N ASN B 251 6.46 -31.01 -17.36
CA ASN B 251 7.58 -31.71 -17.98
C ASN B 251 8.84 -30.89 -17.78
N GLU B 252 9.89 -31.26 -18.50
CA GLU B 252 11.18 -30.57 -18.41
C GLU B 252 11.18 -29.24 -19.15
N GLU B 253 10.35 -29.12 -20.19
CA GLU B 253 10.29 -27.90 -20.99
C GLU B 253 9.37 -26.85 -20.38
N SER B 254 8.14 -27.25 -20.06
CA SER B 254 7.19 -26.29 -19.50
C SER B 254 7.68 -25.77 -18.15
N LEU B 255 8.15 -26.67 -17.29
CA LEU B 255 8.69 -26.32 -15.98
C LEU B 255 10.09 -26.90 -15.85
N PRO B 256 11.13 -26.09 -16.09
CA PRO B 256 12.49 -26.61 -16.00
C PRO B 256 12.83 -27.05 -14.57
N TYR B 257 13.77 -27.99 -14.46
CA TYR B 257 14.26 -28.39 -13.15
C TYR B 257 14.97 -27.23 -12.46
N ASP B 258 15.40 -26.22 -13.21
CA ASP B 258 16.01 -25.03 -12.65
C ASP B 258 15.08 -24.34 -11.64
N ILE B 259 13.78 -24.56 -11.75
CA ILE B 259 12.81 -23.84 -10.90
C ILE B 259 13.10 -24.14 -9.43
N PRO B 260 13.19 -23.14 -8.56
CA PRO B 260 13.41 -23.42 -7.14
C PRO B 260 12.22 -24.15 -6.52
N HIS B 261 12.52 -25.00 -5.54
CA HIS B 261 11.47 -25.75 -4.84
C HIS B 261 10.51 -26.40 -5.82
N ARG B 262 11.06 -26.98 -6.89
CA ARG B 262 10.24 -27.45 -8.00
C ARG B 262 9.19 -28.44 -7.54
N ALA B 263 9.58 -29.43 -6.74
CA ALA B 263 8.65 -30.49 -6.36
C ALA B 263 7.49 -29.96 -5.53
N ARG B 264 7.78 -29.07 -4.56
CA ARG B 264 6.74 -28.52 -3.72
C ARG B 264 5.73 -27.72 -4.55
N MET B 265 6.22 -26.86 -5.45
CA MET B 265 5.33 -26.10 -6.32
C MET B 265 4.51 -27.01 -7.22
N ILE B 266 5.12 -28.08 -7.73
CA ILE B 266 4.38 -28.98 -8.61
C ILE B 266 3.26 -29.68 -7.83
N SER B 267 3.55 -30.09 -6.60
CA SER B 267 2.51 -30.68 -5.76
C SER B 267 1.38 -29.69 -5.53
N LEU B 268 1.74 -28.45 -5.20
CA LEU B 268 0.72 -27.40 -5.02
C LEU B 268 -0.15 -27.27 -6.27
N ILE B 269 0.48 -27.19 -7.44
CA ILE B 269 -0.28 -27.02 -8.68
C ILE B 269 -1.21 -28.21 -8.90
N GLU B 270 -0.67 -29.43 -8.80
CA GLU B 270 -1.46 -30.61 -9.14
C GLU B 270 -2.62 -30.80 -8.17
N SER B 271 -2.43 -30.48 -6.89
CA SER B 271 -3.53 -30.57 -5.94
C SER B 271 -4.52 -29.42 -6.08
N GLY B 272 -4.09 -28.29 -6.64
CA GLY B 272 -4.98 -27.16 -6.80
C GLY B 272 -5.95 -27.24 -7.97
N TRP B 273 -5.69 -28.14 -8.93
CA TRP B 273 -6.58 -28.32 -10.06
C TRP B 273 -7.14 -29.74 -10.15
N ALA B 274 -7.18 -30.45 -9.03
CA ALA B 274 -7.66 -31.83 -9.02
C ALA B 274 -9.07 -31.91 -9.62
N GLN B 275 -9.34 -32.99 -10.33
CA GLN B 275 -10.65 -33.20 -10.91
C GLN B 275 -11.74 -33.04 -9.86
N ASN B 276 -11.51 -33.56 -8.68
CA ASN B 276 -12.50 -33.46 -7.62
C ASN B 276 -12.31 -32.14 -6.86
N PRO B 277 -13.33 -31.32 -6.72
CA PRO B 277 -13.15 -30.05 -5.99
C PRO B 277 -12.71 -30.25 -4.55
N ASP B 278 -13.28 -31.22 -3.85
CA ASP B 278 -12.99 -31.39 -2.44
C ASP B 278 -11.51 -31.68 -2.19
N GLU B 279 -10.82 -32.27 -3.18
CA GLU B 279 -9.40 -32.57 -3.02
C GLU B 279 -8.54 -31.31 -3.06
N ARG B 280 -9.08 -30.18 -3.48
CA ARG B 280 -8.29 -28.96 -3.56
C ARG B 280 -8.22 -28.30 -2.20
N PRO B 281 -7.04 -27.85 -1.77
CA PRO B 281 -6.88 -27.31 -0.41
C PRO B 281 -7.37 -25.88 -0.30
N SER B 282 -7.65 -25.49 0.94
CA SER B 282 -7.95 -24.10 1.23
C SER B 282 -6.69 -23.25 1.06
N PHE B 283 -6.90 -21.94 0.92
CA PHE B 283 -5.77 -21.03 0.76
C PHE B 283 -4.93 -20.90 2.03
N LEU B 284 -5.50 -21.26 3.18
CA LEU B 284 -4.72 -21.21 4.42
C LEU B 284 -3.64 -22.29 4.41
N LYS B 285 -4.00 -23.49 3.96
CA LYS B 285 -3.01 -24.54 3.79
C LYS B 285 -1.91 -24.10 2.82
N CYS B 286 -2.29 -23.43 1.74
CA CYS B 286 -1.30 -22.97 0.77
C CYS B 286 -0.37 -21.93 1.38
N LEU B 287 -0.92 -21.00 2.15
CA LEU B 287 -0.07 -20.00 2.79
C LEU B 287 0.88 -20.65 3.79
N ILE B 288 0.38 -21.63 4.55
CA ILE B 288 1.23 -22.32 5.51
C ILE B 288 2.34 -23.08 4.80
N GLU B 289 2.08 -23.56 3.58
CA GLU B 289 3.13 -24.26 2.83
C GLU B 289 4.08 -23.29 2.14
N LEU B 290 3.63 -22.08 1.81
CA LEU B 290 4.45 -21.14 1.06
C LEU B 290 5.36 -20.32 1.96
N GLU B 291 4.91 -20.00 3.17
CA GLU B 291 5.74 -19.21 4.09
C GLU B 291 7.18 -19.71 4.19
N PRO B 292 7.43 -20.99 4.48
CA PRO B 292 8.82 -21.47 4.53
C PRO B 292 9.55 -21.33 3.22
N VAL B 293 8.85 -21.29 2.09
CA VAL B 293 9.49 -21.13 0.79
C VAL B 293 9.96 -19.69 0.59
N LEU B 294 9.07 -18.73 0.81
CA LEU B 294 9.45 -17.32 0.74
C LEU B 294 10.52 -16.99 1.79
N ARG B 295 10.55 -17.73 2.89
CA ARG B 295 11.50 -17.45 3.96
C ARG B 295 12.94 -17.71 3.55
N THR B 296 13.16 -18.44 2.45
CA THR B 296 14.52 -18.77 2.01
C THR B 296 15.19 -17.65 1.24
N PHE B 297 14.44 -16.62 0.83
CA PHE B 297 15.00 -15.48 0.12
C PHE B 297 15.26 -14.35 1.11
N GLU B 298 16.45 -13.75 1.02
CA GLU B 298 16.74 -12.60 1.87
C GLU B 298 15.96 -11.38 1.37
N GLU B 299 15.77 -10.42 2.28
CA GLU B 299 14.93 -9.26 1.97
C GLU B 299 15.47 -8.48 0.78
N ILE B 300 16.80 -8.38 0.65
CA ILE B 300 17.37 -7.54 -0.41
C ILE B 300 17.28 -8.18 -1.78
N THR B 301 17.18 -9.51 -1.87
CA THR B 301 17.09 -10.15 -3.18
C THR B 301 15.82 -9.74 -3.92
N PHE B 302 14.72 -9.52 -3.19
CA PHE B 302 13.50 -9.04 -3.84
C PHE B 302 13.72 -7.70 -4.52
N LEU B 303 14.26 -6.72 -3.79
CA LEU B 303 14.52 -5.43 -4.38
C LEU B 303 15.51 -5.53 -5.54
N GLU B 304 16.50 -6.42 -5.43
CA GLU B 304 17.43 -6.61 -6.53
C GLU B 304 16.73 -7.10 -7.78
N ALA B 305 15.85 -8.10 -7.64
CA ALA B 305 15.10 -8.60 -8.79
C ALA B 305 14.22 -7.51 -9.37
N VAL B 306 13.57 -6.71 -8.52
CA VAL B 306 12.69 -5.67 -9.01
C VAL B 306 13.48 -4.61 -9.79
N ILE B 307 14.64 -4.21 -9.27
CA ILE B 307 15.44 -3.20 -9.94
C ILE B 307 16.02 -3.77 -11.23
N GLN B 308 16.36 -5.06 -11.25
CA GLN B 308 16.79 -5.69 -12.48
C GLN B 308 15.68 -5.67 -13.53
N LEU B 309 14.45 -5.92 -13.11
CA LEU B 309 13.32 -5.86 -14.03
C LEU B 309 13.12 -4.45 -14.57
N LYS B 310 13.19 -3.45 -13.68
CA LYS B 310 13.03 -2.07 -14.13
C LYS B 310 14.13 -1.67 -15.10
N LYS B 311 15.35 -2.15 -14.89
CA LYS B 311 16.45 -1.78 -15.78
C LYS B 311 16.38 -2.51 -17.11
N THR B 312 16.03 -3.80 -17.09
CA THR B 312 15.85 -4.54 -18.35
C THR B 312 14.69 -3.97 -19.16
N LYS B 313 13.61 -3.53 -18.48
CA LYS B 313 12.49 -2.94 -19.20
C LYS B 313 12.88 -1.59 -19.80
N LEU B 314 13.75 -0.84 -19.14
CA LEU B 314 14.29 0.35 -19.76
C LEU B 314 15.21 -0.03 -20.92
N GLN B 315 15.68 0.98 -21.64
CA GLN B 315 16.62 0.79 -22.75
C GLN B 315 16.23 -0.42 -23.60
N SER B 316 15.16 -0.28 -24.39
CA SER B 316 14.72 -1.35 -25.28
C SER B 316 13.70 -0.84 -26.29
#